data_5AWT
#
_entry.id   5AWT
#
_cell.length_a   107.716
_cell.length_b   107.716
_cell.length_c   79.978
_cell.angle_alpha   90.00
_cell.angle_beta   90.00
_cell.angle_gamma   90.00
#
_symmetry.space_group_name_H-M   'P 4 21 2'
#
loop_
_entity.id
_entity.type
_entity.pdbx_description
1 polymer 'SH3-containing GRB2-like protein 3-interacting protein 1'
2 polymer 'Epidermal growth factor receptor substrate 15'
3 non-polymer 'ZINC ION'
4 water water
#
loop_
_entity_poly.entity_id
_entity_poly.type
_entity_poly.pdbx_seq_one_letter_code
_entity_poly.pdbx_strand_id
1 'polypeptide(L)'
;GPLGSLTMGAQDTLPVAAAFTETVNAYFKGADPSKCIVKITGEMVLSFPAGITRHFANNPSPAALTFRVINFSRLEHVLP
NPQLLCCDNTQNDANTKEFWVNMPNLMTHLKKVSEQKPQATYYNVDMLKYQVSAQGIQSTPLNLAVNWRCEPSSTDLRID
YKYNTDAMTTAVALNNVQFLVPIDGGVTKLQAVLPPAVWNAEQQRILWKIPDISQKSENGGVGSLLARFQLSEGPSKPSP
LVVQFTSEGSTLSGCDIELVGAGYRFSLIKKRFAAGKYLADN
;
A
2 'polypeptide(L)' YDPFGGDPFKG B
#
# COMPACT_ATOMS: atom_id res chain seq x y z
N ASP A 12 -4.25 15.16 -32.80
CA ASP A 12 -3.95 13.90 -32.13
C ASP A 12 -4.56 13.84 -30.73
N THR A 13 -4.74 12.63 -30.20
CA THR A 13 -5.28 12.44 -28.86
C THR A 13 -4.18 11.96 -27.91
N LEU A 14 -4.07 12.58 -26.74
CA LEU A 14 -2.91 12.37 -25.86
C LEU A 14 -3.06 11.16 -24.91
N PRO A 15 -2.06 10.28 -24.90
CA PRO A 15 -2.02 9.23 -23.89
C PRO A 15 -1.66 9.78 -22.52
N VAL A 16 -2.32 9.27 -21.51
CA VAL A 16 -2.10 9.68 -20.13
C VAL A 16 -2.19 8.42 -19.27
N ALA A 17 -1.55 8.40 -18.11
CA ALA A 17 -1.60 7.22 -17.25
C ALA A 17 -2.01 7.61 -15.85
N ALA A 18 -2.42 6.61 -15.07
CA ALA A 18 -3.00 6.87 -13.76
C ALA A 18 -2.71 5.74 -12.79
N ALA A 19 -2.43 6.12 -11.55
CA ALA A 19 -2.11 5.16 -10.49
C ALA A 19 -2.86 5.48 -9.21
N PHE A 20 -3.46 4.46 -8.59
CA PHE A 20 -3.90 4.56 -7.18
C PHE A 20 -2.96 3.75 -6.28
N THR A 21 -2.40 4.38 -5.25
CA THR A 21 -1.42 3.72 -4.37
C THR A 21 -1.84 3.89 -2.92
N GLU A 22 -2.20 2.79 -2.26
CA GLU A 22 -2.73 2.84 -0.89
C GLU A 22 -1.89 2.11 0.14
N THR A 23 -1.79 2.73 1.29
CA THR A 23 -1.02 2.23 2.41
C THR A 23 -2.02 1.89 3.52
N VAL A 24 -1.94 0.65 4.02
CA VAL A 24 -2.78 0.22 5.10
C VAL A 24 -1.96 0.13 6.37
N ASN A 25 -2.27 0.98 7.34
CA ASN A 25 -1.72 0.86 8.70
C ASN A 25 -2.72 0.11 9.59
N ALA A 26 -2.21 -0.79 10.41
CA ALA A 26 -3.07 -1.63 11.22
C ALA A 26 -2.33 -1.89 12.53
N TYR A 27 -3.06 -1.89 13.65
CA TYR A 27 -2.52 -2.34 14.92
C TYR A 27 -3.50 -3.35 15.60
N PHE A 28 -2.99 -4.54 15.89
CA PHE A 28 -3.74 -5.63 16.50
C PHE A 28 -3.36 -5.77 17.98
N LYS A 29 -4.32 -6.11 18.84
CA LYS A 29 -4.03 -6.36 20.24
C LYS A 29 -4.44 -7.77 20.62
N GLY A 30 -3.47 -8.65 20.90
CA GLY A 30 -3.74 -10.08 21.15
C GLY A 30 -4.75 -10.65 20.16
N ALA A 31 -5.77 -11.36 20.66
CA ALA A 31 -6.80 -11.93 19.79
C ALA A 31 -8.12 -11.12 19.67
N ASP A 32 -8.17 -9.89 20.21
CA ASP A 32 -9.39 -9.09 20.29
C ASP A 32 -9.57 -8.09 19.15
N PRO A 33 -10.37 -8.47 18.13
CA PRO A 33 -10.65 -7.65 16.94
C PRO A 33 -11.18 -6.25 17.25
N SER A 34 -11.89 -6.11 18.35
CA SER A 34 -12.45 -4.79 18.67
C SER A 34 -11.33 -3.76 18.93
N LYS A 35 -10.13 -4.24 19.17
CA LYS A 35 -9.07 -3.39 19.69
C LYS A 35 -8.11 -3.06 18.55
N CYS A 36 -8.47 -3.54 17.37
CA CYS A 36 -7.75 -3.30 16.14
C CYS A 36 -7.99 -1.88 15.67
N ILE A 37 -6.90 -1.11 15.55
CA ILE A 37 -6.96 0.22 14.99
C ILE A 37 -6.40 0.21 13.57
N VAL A 38 -7.16 0.79 12.64
CA VAL A 38 -6.85 0.75 11.24
C VAL A 38 -6.87 2.16 10.67
N LYS A 39 -5.96 2.43 9.73
CA LYS A 39 -5.86 3.74 9.07
C LYS A 39 -5.31 3.52 7.67
N ILE A 40 -6.13 3.78 6.67
CA ILE A 40 -5.68 3.61 5.29
C ILE A 40 -5.59 4.97 4.61
N THR A 41 -4.46 5.18 3.95
CA THR A 41 -4.25 6.41 3.18
C THR A 41 -3.91 6.05 1.76
N GLY A 42 -3.98 7.03 0.87
CA GLY A 42 -3.71 6.78 -0.52
C GLY A 42 -3.32 8.03 -1.28
N GLU A 43 -2.73 7.83 -2.47
CA GLU A 43 -2.44 8.90 -3.41
C GLU A 43 -3.03 8.50 -4.75
N MET A 44 -3.62 9.45 -5.46
CA MET A 44 -3.90 9.32 -6.89
C MET A 44 -2.87 10.17 -7.69
N VAL A 45 -2.15 9.49 -8.60
CA VAL A 45 -1.09 10.07 -9.39
C VAL A 45 -1.45 9.99 -10.88
N LEU A 46 -1.32 11.09 -11.62
CA LEU A 46 -1.33 11.04 -13.09
C LEU A 46 0.07 11.14 -13.71
N SER A 47 0.25 10.49 -14.84
CA SER A 47 1.53 10.49 -15.53
C SER A 47 1.37 10.90 -17.00
N PHE A 48 2.34 11.68 -17.50
CA PHE A 48 2.30 12.19 -18.87
C PHE A 48 3.60 11.84 -19.58
N PRO A 49 3.53 11.55 -20.89
CA PRO A 49 4.75 11.22 -21.66
C PRO A 49 5.49 12.49 -22.03
N ALA A 50 6.81 12.45 -22.20
CA ALA A 50 7.58 13.65 -22.62
C ALA A 50 6.92 14.46 -23.74
N GLY A 51 6.50 13.76 -24.79
CA GLY A 51 5.96 14.40 -25.99
C GLY A 51 5.09 15.60 -25.72
N ILE A 52 4.37 15.55 -24.59
CA ILE A 52 3.39 16.56 -24.18
C ILE A 52 3.91 17.98 -24.26
N THR A 53 5.16 18.19 -23.86
CA THR A 53 5.70 19.53 -23.86
C THR A 53 5.53 20.06 -25.24
N ARG A 54 6.11 19.35 -26.23
CA ARG A 54 6.03 19.69 -27.65
C ARG A 54 4.58 19.88 -28.04
N HIS A 55 3.74 18.94 -27.60
CA HIS A 55 2.33 18.94 -27.94
C HIS A 55 1.66 20.23 -27.47
N PHE A 56 2.00 20.63 -26.25
CA PHE A 56 1.40 21.81 -25.67
C PHE A 56 1.96 23.07 -26.28
N ALA A 57 3.16 22.97 -26.85
CA ALA A 57 3.76 24.08 -27.54
C ALA A 57 2.94 24.28 -28.80
N ASN A 58 2.52 23.17 -29.39
CA ASN A 58 1.70 23.20 -30.59
C ASN A 58 0.43 24.00 -30.31
N ASN A 59 -0.24 23.64 -29.21
CA ASN A 59 -1.51 24.22 -28.82
C ASN A 59 -1.48 24.91 -27.45
N PRO A 60 -1.67 26.24 -27.42
CA PRO A 60 -1.73 27.00 -26.17
C PRO A 60 -3.13 27.01 -25.57
N SER A 61 -4.06 26.35 -26.27
CA SER A 61 -5.43 26.14 -25.81
C SER A 61 -5.81 24.65 -25.95
N PRO A 62 -5.12 23.78 -25.21
CA PRO A 62 -5.39 22.33 -25.37
C PRO A 62 -6.77 21.89 -24.89
N ALA A 63 -7.13 20.65 -25.21
CA ALA A 63 -8.42 20.12 -24.81
C ALA A 63 -8.42 19.96 -23.31
N ALA A 64 -9.54 20.27 -22.66
CA ALA A 64 -9.62 20.20 -21.18
C ALA A 64 -9.34 18.80 -20.63
N LEU A 65 -8.39 18.67 -19.70
CA LEU A 65 -8.22 17.39 -18.99
C LEU A 65 -9.25 17.32 -17.86
N THR A 66 -10.28 16.50 -18.05
CA THR A 66 -11.35 16.35 -17.07
C THR A 66 -11.54 14.89 -16.74
N PHE A 67 -11.54 14.56 -15.45
CA PHE A 67 -11.85 13.17 -15.07
C PHE A 67 -12.85 13.02 -13.93
N ARG A 68 -13.31 11.78 -13.72
CA ARG A 68 -14.12 11.45 -12.56
C ARG A 68 -13.50 10.31 -11.72
N VAL A 69 -13.55 10.48 -10.40
CA VAL A 69 -13.30 9.37 -9.48
C VAL A 69 -14.60 8.66 -9.11
N ILE A 70 -14.57 7.34 -9.26
CA ILE A 70 -15.68 6.45 -8.98
C ILE A 70 -15.47 5.94 -7.56
N ASN A 71 -16.56 5.63 -6.86
CA ASN A 71 -16.49 5.25 -5.45
C ASN A 71 -15.80 6.29 -4.57
N PHE A 72 -16.02 7.56 -4.89
CA PHE A 72 -15.40 8.67 -4.18
C PHE A 72 -15.92 8.85 -2.74
N SER A 73 -17.09 8.29 -2.43
CA SER A 73 -17.67 8.47 -1.13
C SER A 73 -16.95 7.59 -0.09
N ARG A 74 -16.19 6.61 -0.58
CA ARG A 74 -15.39 5.73 0.28
C ARG A 74 -14.14 6.48 0.83
N LEU A 75 -13.98 7.74 0.43
CA LEU A 75 -12.84 8.54 0.87
C LEU A 75 -13.23 9.66 1.83
N GLU A 76 -12.54 9.71 2.97
CA GLU A 76 -12.55 10.89 3.81
C GLU A 76 -11.24 11.69 3.61
N HIS A 77 -11.21 12.94 4.07
CA HIS A 77 -9.96 13.64 4.30
C HIS A 77 -9.22 13.86 2.98
N VAL A 78 -9.97 14.24 1.94
CA VAL A 78 -9.41 14.38 0.60
C VAL A 78 -8.79 15.72 0.35
N LEU A 79 -7.49 15.71 0.00
CA LEU A 79 -6.72 16.92 -0.38
C LEU A 79 -6.41 16.90 -1.85
N PRO A 80 -7.05 17.77 -2.61
CA PRO A 80 -6.67 17.92 -4.02
C PRO A 80 -5.45 18.84 -4.21
N ASN A 81 -4.63 18.50 -5.20
CA ASN A 81 -3.50 19.34 -5.60
C ASN A 81 -3.90 20.76 -5.76
N PRO A 82 -3.33 21.62 -4.91
CA PRO A 82 -3.79 23.01 -4.79
C PRO A 82 -3.48 23.82 -6.02
N GLN A 83 -2.48 23.41 -6.77
CA GLN A 83 -2.06 24.17 -7.93
C GLN A 83 -2.82 23.72 -9.17
N LEU A 84 -3.33 22.50 -9.13
CA LEU A 84 -4.04 21.95 -10.27
C LEU A 84 -5.58 21.71 -10.13
N LEU A 85 -6.14 21.83 -8.90
CA LEU A 85 -7.58 21.54 -8.66
C LEU A 85 -8.38 22.33 -7.55
N CYS A 86 -9.64 21.93 -7.37
CA CYS A 86 -10.54 22.35 -6.26
C CYS A 86 -10.91 23.81 -6.19
N CYS A 87 -11.65 24.27 -7.19
CA CYS A 87 -12.28 25.59 -7.16
C CYS A 87 -12.92 25.82 -8.50
N ASP A 93 -22.20 16.20 -4.74
CA ASP A 93 -22.46 14.99 -5.50
C ASP A 93 -22.25 13.80 -4.57
N ALA A 94 -22.93 12.69 -4.86
CA ALA A 94 -22.87 11.57 -3.94
C ALA A 94 -21.61 10.68 -4.08
N ASN A 95 -21.62 9.79 -5.06
CA ASN A 95 -20.64 8.70 -5.08
C ASN A 95 -19.58 8.78 -6.20
N THR A 96 -19.58 9.90 -6.91
CA THR A 96 -18.64 10.17 -7.96
C THR A 96 -18.20 11.60 -7.69
N LYS A 97 -16.94 11.93 -7.97
CA LYS A 97 -16.58 13.36 -8.03
C LYS A 97 -15.84 13.68 -9.31
N GLU A 98 -16.12 14.86 -9.88
CA GLU A 98 -15.50 15.25 -11.13
C GLU A 98 -14.54 16.43 -10.95
N PHE A 99 -13.46 16.39 -11.74
CA PHE A 99 -12.44 17.43 -11.69
C PHE A 99 -12.05 17.96 -13.05
N TRP A 100 -11.88 19.28 -13.12
CA TRP A 100 -11.32 19.98 -14.28
C TRP A 100 -9.95 20.43 -13.86
N VAL A 101 -8.93 19.88 -14.51
CA VAL A 101 -7.53 20.22 -14.26
C VAL A 101 -7.16 21.60 -14.77
N ASN A 102 -6.35 22.33 -14.01
CA ASN A 102 -5.89 23.63 -14.45
C ASN A 102 -4.76 23.47 -15.47
N MET A 103 -5.08 23.75 -16.73
CA MET A 103 -4.15 23.47 -17.81
C MET A 103 -2.96 24.42 -17.84
N PRO A 104 -3.18 25.73 -17.63
CA PRO A 104 -1.97 26.57 -17.58
C PRO A 104 -0.98 26.21 -16.46
N ASN A 105 -1.45 25.85 -15.28
CA ASN A 105 -0.53 25.47 -14.24
C ASN A 105 0.13 24.09 -14.53
N LEU A 106 -0.57 23.23 -15.26
CA LEU A 106 -0.04 21.90 -15.58
C LEU A 106 1.01 22.02 -16.65
N MET A 107 0.68 22.79 -17.68
CA MET A 107 1.64 23.06 -18.75
C MET A 107 2.89 23.70 -18.14
N THR A 108 2.74 24.79 -17.42
CA THR A 108 3.85 25.34 -16.65
C THR A 108 4.68 24.30 -15.87
N HIS A 109 4.04 23.60 -14.96
CA HIS A 109 4.70 22.57 -14.17
C HIS A 109 5.51 21.59 -15.03
N LEU A 110 4.86 21.04 -16.05
CA LEU A 110 5.48 20.04 -16.91
C LEU A 110 6.64 20.59 -17.74
N LYS A 111 6.54 21.84 -18.17
CA LYS A 111 7.68 22.50 -18.78
C LYS A 111 8.87 22.53 -17.80
N LYS A 112 8.62 23.01 -16.58
CA LYS A 112 9.71 23.10 -15.58
C LYS A 112 10.41 21.77 -15.33
N VAL A 113 9.62 20.73 -15.04
CA VAL A 113 10.25 19.43 -14.82
C VAL A 113 10.99 18.94 -16.07
N SER A 114 10.40 19.10 -17.25
CA SER A 114 11.07 18.63 -18.47
C SER A 114 12.45 19.31 -18.67
N GLU A 115 12.50 20.63 -18.50
CA GLU A 115 13.76 21.37 -18.49
C GLU A 115 14.78 20.92 -17.44
N GLN A 116 14.31 20.51 -16.26
CA GLN A 116 15.30 20.01 -15.27
C GLN A 116 15.60 18.51 -15.43
N LYS A 117 14.62 17.75 -15.92
CA LYS A 117 14.84 16.33 -16.18
C LYS A 117 14.64 16.01 -17.66
N PRO A 118 15.66 16.30 -18.48
CA PRO A 118 15.47 16.32 -19.94
C PRO A 118 15.49 14.93 -20.52
N GLN A 119 16.02 13.98 -19.75
CA GLN A 119 16.15 12.62 -20.23
C GLN A 119 15.02 11.80 -19.65
N ALA A 120 14.07 12.47 -19.02
CA ALA A 120 12.92 11.75 -18.49
C ALA A 120 11.94 11.40 -19.61
N THR A 121 11.43 10.18 -19.55
CA THR A 121 10.56 9.67 -20.59
C THR A 121 9.10 9.88 -20.26
N TYR A 122 8.84 10.15 -18.97
CA TYR A 122 7.50 10.43 -18.44
C TYR A 122 7.59 11.24 -17.14
N TYR A 123 6.52 11.96 -16.83
CA TYR A 123 6.46 12.80 -15.63
C TYR A 123 5.26 12.45 -14.79
N ASN A 124 5.51 12.01 -13.55
CA ASN A 124 4.43 11.76 -12.57
C ASN A 124 4.02 13.08 -11.90
N VAL A 125 2.73 13.24 -11.61
CA VAL A 125 2.28 14.39 -10.82
C VAL A 125 1.21 13.98 -9.78
N ASP A 126 1.39 14.40 -8.52
CA ASP A 126 0.42 14.09 -7.45
C ASP A 126 -0.85 14.90 -7.63
N MET A 127 -1.99 14.20 -7.75
CA MET A 127 -3.25 14.88 -8.01
C MET A 127 -4.15 14.92 -6.77
N LEU A 128 -4.18 13.80 -6.04
CA LEU A 128 -5.08 13.71 -4.89
C LEU A 128 -4.42 12.96 -3.76
N LYS A 129 -4.44 13.53 -2.55
CA LYS A 129 -4.05 12.73 -1.38
C LYS A 129 -5.29 12.43 -0.50
N TYR A 130 -5.42 11.21 -0.01
CA TYR A 130 -6.66 10.90 0.71
C TYR A 130 -6.56 9.83 1.79
N GLN A 131 -7.68 9.68 2.49
CA GLN A 131 -7.85 8.61 3.47
C GLN A 131 -8.98 7.74 2.97
N VAL A 132 -8.96 6.47 3.36
CA VAL A 132 -10.02 5.54 3.07
C VAL A 132 -10.75 5.10 4.33
N SER A 133 -12.05 5.38 4.40
CA SER A 133 -12.88 4.96 5.54
C SER A 133 -12.74 3.47 5.76
N ALA A 134 -12.25 3.13 6.94
CA ALA A 134 -11.93 1.76 7.24
C ALA A 134 -12.73 1.37 8.46
N GLN A 135 -13.37 0.21 8.42
CA GLN A 135 -14.14 -0.27 9.56
C GLN A 135 -13.48 -1.50 10.17
N GLY A 136 -12.56 -1.25 11.09
CA GLY A 136 -11.89 -2.30 11.85
C GLY A 136 -11.20 -3.41 11.07
N ILE A 137 -11.18 -4.58 11.68
CA ILE A 137 -10.41 -5.71 11.15
C ILE A 137 -10.92 -6.16 9.77
N GLN A 138 -12.16 -5.80 9.45
CA GLN A 138 -12.70 -6.16 8.15
C GLN A 138 -11.97 -5.45 7.01
N SER A 139 -11.37 -4.30 7.28
CA SER A 139 -10.73 -3.50 6.24
C SER A 139 -9.27 -3.86 6.05
N THR A 140 -8.85 -4.92 6.72
CA THR A 140 -7.46 -5.28 6.89
C THR A 140 -7.14 -6.51 6.01
N PRO A 141 -6.17 -6.40 5.10
CA PRO A 141 -5.97 -7.53 4.17
C PRO A 141 -5.31 -8.78 4.76
N LEU A 142 -4.56 -8.62 5.84
CA LEU A 142 -3.93 -9.73 6.53
C LEU A 142 -4.32 -9.61 7.98
N ASN A 143 -5.37 -10.31 8.40
CA ASN A 143 -5.71 -10.44 9.80
C ASN A 143 -4.56 -11.10 10.54
N LEU A 144 -4.24 -10.54 11.71
CA LEU A 144 -3.12 -11.02 12.55
C LEU A 144 -3.55 -11.26 14.00
N ALA A 145 -2.93 -12.22 14.67
CA ALA A 145 -3.19 -12.43 16.10
C ALA A 145 -1.98 -13.13 16.72
N VAL A 146 -1.30 -12.45 17.63
CA VAL A 146 -0.10 -13.00 18.24
C VAL A 146 -0.28 -13.44 19.70
N ASN A 147 0.35 -14.53 20.09
CA ASN A 147 0.38 -14.89 21.50
C ASN A 147 1.78 -15.29 21.99
N TRP A 148 2.17 -14.73 23.13
CA TRP A 148 3.42 -15.09 23.78
C TRP A 148 3.12 -15.89 25.04
N ARG A 149 3.98 -16.87 25.31
CA ARG A 149 4.06 -17.52 26.60
C ARG A 149 5.53 -17.37 27.04
N CYS A 150 5.77 -16.50 28.02
CA CYS A 150 7.11 -16.14 28.45
C CYS A 150 7.48 -16.79 29.79
N GLU A 151 8.36 -17.78 29.75
CA GLU A 151 8.85 -18.45 30.96
C GLU A 151 10.19 -17.88 31.36
N PRO A 152 10.64 -18.11 32.61
CA PRO A 152 11.90 -17.55 33.09
C PRO A 152 13.11 -17.86 32.21
N SER A 153 13.15 -19.04 31.63
CA SER A 153 14.27 -19.41 30.77
C SER A 153 13.74 -19.98 29.47
N SER A 154 12.48 -19.70 29.17
CA SER A 154 11.88 -20.23 27.95
C SER A 154 10.95 -19.18 27.34
N THR A 155 10.63 -19.33 26.05
CA THR A 155 9.66 -18.45 25.42
C THR A 155 9.02 -19.03 24.15
N ASP A 156 7.69 -19.17 24.16
CA ASP A 156 6.94 -19.66 23.00
C ASP A 156 6.18 -18.53 22.31
N LEU A 157 6.32 -18.47 20.99
CA LEU A 157 5.71 -17.44 20.17
C LEU A 157 4.79 -18.08 19.13
N ARG A 158 3.61 -17.49 18.98
CA ARG A 158 2.69 -17.93 17.97
C ARG A 158 2.07 -16.77 17.22
N ILE A 159 2.07 -16.86 15.90
CA ILE A 159 1.46 -15.83 15.07
C ILE A 159 0.41 -16.51 14.21
N ASP A 160 -0.80 -16.02 14.25
CA ASP A 160 -1.88 -16.57 13.44
C ASP A 160 -2.27 -15.53 12.42
N TYR A 161 -2.27 -15.89 11.15
CA TYR A 161 -2.62 -14.92 10.11
C TYR A 161 -3.69 -15.52 9.23
N LYS A 162 -4.49 -14.62 8.66
CA LYS A 162 -5.55 -15.04 7.76
C LYS A 162 -5.61 -13.98 6.68
N TYR A 163 -5.42 -14.42 5.44
CA TYR A 163 -5.63 -13.59 4.28
C TYR A 163 -7.11 -13.23 4.22
N ASN A 164 -7.44 -11.95 4.02
CA ASN A 164 -8.83 -11.49 4.13
C ASN A 164 -9.33 -10.77 2.87
N THR A 165 -10.09 -11.49 2.06
CA THR A 165 -10.55 -11.01 0.76
C THR A 165 -11.42 -9.77 0.86
N ASP A 166 -12.17 -9.67 1.96
CA ASP A 166 -13.18 -8.62 2.14
C ASP A 166 -12.56 -7.21 2.12
N ALA A 167 -11.27 -7.16 2.39
CA ALA A 167 -10.53 -5.92 2.58
C ALA A 167 -10.24 -5.25 1.26
N MET A 168 -10.32 -6.02 0.18
CA MET A 168 -9.89 -5.52 -1.14
C MET A 168 -10.96 -5.68 -2.22
N THR A 169 -10.93 -4.80 -3.22
CA THR A 169 -12.02 -4.75 -4.20
C THR A 169 -12.00 -5.99 -5.11
N THR A 170 -10.80 -6.42 -5.49
CA THR A 170 -10.65 -7.66 -6.23
C THR A 170 -9.61 -8.55 -5.56
N ALA A 171 -9.82 -9.86 -5.57
CA ALA A 171 -8.99 -10.79 -4.79
C ALA A 171 -7.63 -10.97 -5.43
N VAL A 172 -6.62 -10.43 -4.77
CA VAL A 172 -5.29 -10.30 -5.32
C VAL A 172 -4.28 -10.82 -4.29
N ALA A 173 -3.14 -11.37 -4.73
CA ALA A 173 -2.14 -11.85 -3.78
C ALA A 173 -1.43 -10.76 -2.97
N LEU A 174 -0.94 -11.13 -1.80
CA LEU A 174 -0.05 -10.28 -1.02
C LEU A 174 1.36 -10.82 -1.28
N ASN A 175 2.27 -9.94 -1.69
CA ASN A 175 3.64 -10.34 -2.07
C ASN A 175 4.69 -9.91 -1.06
N ASN A 176 5.80 -10.64 -1.04
CA ASN A 176 6.94 -10.30 -0.19
C ASN A 176 6.54 -10.06 1.24
N VAL A 177 5.87 -11.02 1.85
CA VAL A 177 5.39 -10.74 3.19
C VAL A 177 6.42 -11.12 4.25
N GLN A 178 6.66 -10.19 5.17
CA GLN A 178 7.68 -10.37 6.18
C GLN A 178 7.07 -10.20 7.53
N PHE A 179 7.47 -11.08 8.44
CA PHE A 179 7.09 -11.00 9.82
C PHE A 179 8.36 -10.91 10.64
N LEU A 180 8.59 -9.74 11.20
CA LEU A 180 9.77 -9.48 12.03
C LEU A 180 9.31 -9.34 13.51
N VAL A 181 9.93 -10.07 14.44
CA VAL A 181 9.67 -9.79 15.86
C VAL A 181 10.93 -9.89 16.75
N PRO A 182 11.25 -8.79 17.49
CA PRO A 182 12.39 -8.76 18.44
C PRO A 182 12.17 -9.70 19.62
N ILE A 183 13.20 -10.41 20.05
CA ILE A 183 13.11 -11.34 21.18
C ILE A 183 14.09 -11.01 22.33
N ASP A 184 13.55 -10.45 23.39
CA ASP A 184 14.24 -10.08 24.63
C ASP A 184 14.80 -11.30 25.35
N GLY A 185 15.51 -11.06 26.45
CA GLY A 185 15.77 -12.12 27.41
C GLY A 185 17.07 -12.86 27.21
N GLY A 186 17.80 -12.48 26.16
CA GLY A 186 19.10 -13.07 25.89
C GLY A 186 18.99 -14.45 25.28
N VAL A 187 18.47 -14.51 24.05
CA VAL A 187 18.28 -15.79 23.37
C VAL A 187 19.60 -16.51 23.12
N THR A 188 19.59 -17.80 23.42
CA THR A 188 20.78 -18.63 23.29
C THR A 188 20.64 -19.69 22.19
N LYS A 189 19.40 -20.09 21.92
CA LYS A 189 19.12 -21.14 20.95
C LYS A 189 17.63 -21.13 20.63
N LEU A 190 17.27 -21.40 19.38
CA LEU A 190 15.85 -21.61 19.08
C LEU A 190 15.55 -23.01 18.56
N GLN A 191 14.44 -23.56 19.03
CA GLN A 191 13.97 -24.87 18.58
C GLN A 191 12.54 -24.74 18.08
N ALA A 192 12.08 -25.81 17.43
CA ALA A 192 10.69 -25.92 16.98
C ALA A 192 10.20 -24.69 16.21
N VAL A 193 10.91 -24.36 15.14
CA VAL A 193 10.46 -23.31 14.24
C VAL A 193 9.75 -23.91 13.02
N LEU A 194 8.59 -23.35 12.69
CA LEU A 194 7.80 -23.88 11.58
C LEU A 194 6.84 -22.79 11.15
N PRO A 195 6.88 -22.39 9.88
CA PRO A 195 7.82 -22.80 8.82
C PRO A 195 9.20 -22.23 9.11
N PRO A 196 10.24 -22.61 8.31
CA PRO A 196 11.60 -22.12 8.59
C PRO A 196 11.71 -20.59 8.62
N ALA A 197 12.47 -20.10 9.59
CA ALA A 197 12.75 -18.67 9.78
C ALA A 197 14.28 -18.35 9.70
N VAL A 198 14.62 -17.07 9.88
CA VAL A 198 16.01 -16.63 10.01
C VAL A 198 16.21 -15.90 11.35
N TRP A 199 17.23 -16.29 12.12
CA TRP A 199 17.56 -15.59 13.36
C TRP A 199 18.65 -14.57 13.13
N ASN A 200 18.38 -13.33 13.48
CA ASN A 200 19.37 -12.25 13.44
C ASN A 200 19.91 -12.01 14.84
N ALA A 201 21.12 -12.54 15.10
CA ALA A 201 21.69 -12.54 16.43
C ALA A 201 22.09 -11.13 16.83
N GLU A 202 22.49 -10.35 15.84
CA GLU A 202 23.02 -9.02 16.07
C GLU A 202 21.94 -8.06 16.56
N GLN A 203 20.74 -8.17 15.99
CA GLN A 203 19.63 -7.31 16.39
C GLN A 203 18.73 -8.02 17.40
N GLN A 204 18.99 -9.30 17.62
CA GLN A 204 18.17 -10.13 18.52
C GLN A 204 16.71 -10.29 18.06
N ARG A 205 16.53 -10.54 16.77
CA ARG A 205 15.19 -10.57 16.17
C ARG A 205 14.98 -11.80 15.28
N ILE A 206 13.73 -12.23 15.13
CA ILE A 206 13.41 -13.30 14.17
C ILE A 206 12.62 -12.78 12.97
N LEU A 207 12.87 -13.39 11.81
CA LEU A 207 12.24 -12.98 10.55
C LEU A 207 11.74 -14.18 9.74
N TRP A 208 10.43 -14.18 9.47
CA TRP A 208 9.82 -15.16 8.58
C TRP A 208 9.52 -14.44 7.29
N LYS A 209 9.81 -15.09 6.16
CA LYS A 209 9.44 -14.56 4.85
C LYS A 209 8.52 -15.52 4.08
N ILE A 210 7.36 -15.04 3.64
CA ILE A 210 6.47 -15.81 2.78
C ILE A 210 6.29 -15.08 1.45
N PRO A 211 6.65 -15.72 0.34
CA PRO A 211 6.69 -15.01 -0.95
C PRO A 211 5.30 -14.62 -1.43
N ASP A 212 4.30 -15.46 -1.16
CA ASP A 212 2.96 -15.18 -1.62
C ASP A 212 1.92 -15.68 -0.64
N ILE A 213 0.93 -14.84 -0.37
CA ILE A 213 -0.26 -15.24 0.33
C ILE A 213 -1.49 -14.85 -0.49
N SER A 214 -2.32 -15.83 -0.83
CA SER A 214 -3.58 -15.59 -1.56
C SER A 214 -4.58 -16.72 -1.32
N GLN A 215 -5.75 -16.66 -1.95
CA GLN A 215 -6.70 -17.78 -1.82
C GLN A 215 -6.09 -19.03 -2.41
N LYS A 216 -5.25 -18.82 -3.42
CA LYS A 216 -4.58 -19.91 -4.14
C LYS A 216 -3.27 -20.29 -3.47
N SER A 217 -3.10 -19.89 -2.20
CA SER A 217 -1.93 -20.23 -1.39
C SER A 217 -2.09 -21.63 -0.77
N GLU A 218 -1.04 -22.12 -0.08
CA GLU A 218 -0.92 -23.53 0.37
C GLU A 218 -2.11 -24.00 1.21
N ASN A 219 -2.82 -23.04 1.80
CA ASN A 219 -3.76 -23.30 2.87
C ASN A 219 -5.04 -22.45 2.84
N GLY A 220 -5.23 -21.72 1.73
CA GLY A 220 -6.39 -20.86 1.61
C GLY A 220 -6.04 -19.45 2.03
N GLY A 221 -4.83 -19.31 2.53
CA GLY A 221 -4.30 -18.01 2.92
C GLY A 221 -4.23 -17.86 4.43
N VAL A 222 -4.60 -18.94 5.12
CA VAL A 222 -4.75 -18.98 6.56
C VAL A 222 -3.67 -19.87 7.16
N GLY A 223 -2.81 -19.34 8.03
CA GLY A 223 -1.77 -20.20 8.60
C GLY A 223 -1.10 -19.65 9.86
N SER A 224 -0.20 -20.46 10.44
CA SER A 224 0.50 -20.10 11.68
C SER A 224 2.04 -20.09 11.57
N LEU A 225 2.67 -19.17 12.29
CA LEU A 225 4.12 -19.20 12.46
C LEU A 225 4.44 -19.51 13.93
N LEU A 226 5.24 -20.57 14.18
CA LEU A 226 5.59 -21.02 15.54
C LEU A 226 7.08 -20.89 15.85
N ALA A 227 7.43 -20.54 17.09
CA ALA A 227 8.84 -20.60 17.50
C ALA A 227 9.07 -20.76 19.00
N ARG A 228 10.07 -21.56 19.39
CA ARG A 228 10.47 -21.61 20.80
C ARG A 228 11.91 -21.13 21.01
N PHE A 229 12.13 -20.35 22.07
CA PHE A 229 13.44 -19.80 22.41
C PHE A 229 13.93 -20.18 23.81
N GLN A 230 15.20 -20.55 23.89
CA GLN A 230 15.86 -20.74 25.16
C GLN A 230 16.57 -19.47 25.59
N LEU A 231 16.49 -19.16 26.89
CA LEU A 231 16.99 -17.90 27.42
C LEU A 231 18.07 -18.08 28.49
N SER A 232 18.86 -17.03 28.71
CA SER A 232 19.93 -17.05 29.71
C SER A 232 19.78 -15.88 30.68
N GLU A 233 19.08 -14.85 30.22
CA GLU A 233 18.84 -13.66 31.02
C GLU A 233 17.37 -13.33 30.86
N GLY A 234 16.53 -14.34 31.13
CA GLY A 234 15.10 -14.21 31.00
C GLY A 234 14.42 -13.63 32.24
N PRO A 235 13.10 -13.44 32.16
CA PRO A 235 12.23 -13.83 31.03
C PRO A 235 12.20 -12.76 29.97
N SER A 236 11.61 -13.04 28.81
CA SER A 236 11.53 -11.99 27.77
C SER A 236 10.24 -11.15 27.83
N LYS A 237 10.36 -9.86 27.48
CA LYS A 237 9.21 -8.95 27.36
C LYS A 237 8.67 -8.99 25.95
N PRO A 238 7.37 -9.31 25.78
CA PRO A 238 6.73 -9.34 24.46
C PRO A 238 6.98 -8.07 23.67
N SER A 239 7.20 -8.23 22.38
CA SER A 239 7.51 -7.10 21.52
C SER A 239 6.53 -7.08 20.37
N PRO A 240 6.38 -5.92 19.74
CA PRO A 240 5.47 -5.82 18.59
C PRO A 240 5.98 -6.62 17.39
N LEU A 241 5.12 -7.46 16.83
CA LEU A 241 5.39 -7.99 15.50
C LEU A 241 5.19 -6.91 14.44
N VAL A 242 6.16 -6.76 13.55
CA VAL A 242 6.06 -5.83 12.45
C VAL A 242 5.91 -6.63 11.18
N VAL A 243 5.02 -6.17 10.30
CA VAL A 243 4.71 -6.87 9.09
C VAL A 243 4.91 -5.99 7.85
N GLN A 244 5.28 -6.65 6.77
CA GLN A 244 5.52 -5.95 5.53
C GLN A 244 4.89 -6.81 4.46
N PHE A 245 4.35 -6.15 3.44
CA PHE A 245 3.82 -6.83 2.25
C PHE A 245 3.40 -5.79 1.24
N THR A 246 3.42 -6.15 -0.03
CA THR A 246 2.94 -5.27 -1.10
C THR A 246 1.93 -6.02 -1.96
N SER A 247 1.33 -5.32 -2.91
CA SER A 247 0.28 -5.93 -3.71
C SER A 247 0.00 -5.07 -4.90
N GLU A 248 -0.24 -5.71 -6.06
CA GLU A 248 -0.54 -5.02 -7.32
C GLU A 248 -1.86 -5.55 -7.88
N GLY A 249 -2.66 -4.69 -8.51
CA GLY A 249 -3.87 -5.14 -9.17
C GLY A 249 -5.20 -4.68 -8.56
N SER A 250 -5.16 -4.19 -7.32
CA SER A 250 -6.40 -3.88 -6.64
C SER A 250 -6.21 -2.75 -5.64
N THR A 251 -7.26 -1.97 -5.40
CA THR A 251 -7.22 -0.95 -4.34
C THR A 251 -7.81 -1.55 -3.06
N LEU A 252 -7.76 -0.77 -1.99
CA LEU A 252 -8.53 -1.07 -0.79
C LEU A 252 -9.82 -0.25 -0.83
N SER A 253 -9.73 0.93 -1.41
CA SER A 253 -10.84 1.86 -1.46
C SER A 253 -11.94 1.47 -2.42
N GLY A 254 -11.62 0.76 -3.50
CA GLY A 254 -12.62 0.47 -4.52
C GLY A 254 -12.76 1.59 -5.56
N CYS A 255 -11.97 2.63 -5.42
CA CYS A 255 -11.88 3.70 -6.44
C CYS A 255 -11.38 3.24 -7.80
N ASP A 256 -11.85 3.92 -8.85
CA ASP A 256 -11.37 3.77 -10.22
C ASP A 256 -11.41 5.17 -10.82
N ILE A 257 -10.85 5.33 -12.01
CA ILE A 257 -10.88 6.64 -12.65
C ILE A 257 -11.35 6.59 -14.09
N GLU A 258 -12.12 7.59 -14.49
CA GLU A 258 -12.63 7.62 -15.84
C GLU A 258 -12.29 8.98 -16.41
N LEU A 259 -11.95 9.03 -17.69
CA LEU A 259 -11.75 10.31 -18.36
C LEU A 259 -13.08 10.83 -18.90
N VAL A 260 -13.45 12.06 -18.58
CA VAL A 260 -14.61 12.65 -19.23
C VAL A 260 -14.24 13.71 -20.26
N GLY A 261 -14.83 13.61 -21.45
CA GLY A 261 -14.55 14.54 -22.51
C GLY A 261 -13.54 13.92 -23.47
N ALA A 262 -13.25 14.61 -24.56
CA ALA A 262 -12.31 14.09 -25.55
C ALA A 262 -10.90 14.68 -25.37
N GLY A 263 -9.93 14.11 -26.10
CA GLY A 263 -8.58 14.65 -26.10
C GLY A 263 -7.50 13.80 -25.45
N TYR A 264 -7.91 12.86 -24.60
CA TYR A 264 -6.97 11.98 -23.88
C TYR A 264 -7.52 10.57 -23.76
N ARG A 265 -6.62 9.60 -23.72
CA ARG A 265 -7.02 8.24 -23.39
C ARG A 265 -6.09 7.76 -22.29
N PHE A 266 -6.59 6.88 -21.42
CA PHE A 266 -5.75 6.16 -20.47
C PHE A 266 -5.03 5.00 -21.12
N SER A 267 -3.70 5.03 -21.07
CA SER A 267 -2.91 3.92 -21.60
C SER A 267 -2.78 2.81 -20.55
N LEU A 268 -3.00 3.17 -19.29
CA LEU A 268 -2.74 2.26 -18.19
C LEU A 268 -3.29 2.87 -16.93
N ILE A 269 -3.97 2.06 -16.13
CA ILE A 269 -4.39 2.48 -14.80
C ILE A 269 -3.80 1.49 -13.81
N LYS A 270 -2.79 1.94 -13.06
CA LYS A 270 -2.17 1.08 -12.06
C LYS A 270 -2.88 1.19 -10.71
N LYS A 271 -3.37 0.05 -10.20
CA LYS A 271 -3.88 -0.04 -8.85
C LYS A 271 -2.94 -0.90 -7.99
N ARG A 272 -2.65 -0.49 -6.75
CA ARG A 272 -1.80 -1.31 -5.86
C ARG A 272 -1.91 -0.85 -4.39
N PHE A 273 -1.58 -1.73 -3.44
CA PHE A 273 -1.55 -1.30 -2.03
C PHE A 273 -0.39 -1.92 -1.26
N ALA A 274 -0.13 -1.42 -0.06
CA ALA A 274 1.00 -1.93 0.71
C ALA A 274 0.85 -1.71 2.20
N ALA A 275 1.35 -2.67 2.98
CA ALA A 275 1.44 -2.48 4.42
C ALA A 275 2.28 -1.24 4.67
N GLY A 276 1.77 -0.35 5.51
CA GLY A 276 2.57 0.78 5.96
C GLY A 276 3.07 0.44 7.35
N LYS A 277 2.44 1.01 8.38
CA LYS A 277 2.80 0.70 9.76
C LYS A 277 1.84 -0.40 10.25
N TYR A 278 2.31 -1.64 10.33
CA TYR A 278 1.42 -2.78 10.50
C TYR A 278 1.92 -3.68 11.65
N LEU A 279 1.27 -3.61 12.80
CA LEU A 279 1.81 -4.19 14.04
C LEU A 279 0.81 -5.09 14.82
N ALA A 280 1.37 -5.97 15.65
CA ALA A 280 0.59 -6.83 16.53
C ALA A 280 1.22 -6.93 17.91
N ASP A 281 0.50 -6.47 18.92
CA ASP A 281 0.95 -6.61 20.29
C ASP A 281 0.43 -7.93 20.88
N ASN A 282 0.96 -8.30 22.03
CA ASN A 282 0.44 -9.44 22.76
C ASN A 282 -0.96 -9.11 23.32
N TYR B 1 9.17 8.13 -5.06
CA TYR B 1 8.55 6.84 -5.34
C TYR B 1 7.73 6.86 -6.62
N ASP B 2 7.95 5.86 -7.47
CA ASP B 2 7.28 5.78 -8.76
C ASP B 2 6.28 4.64 -8.79
N PRO B 3 4.99 4.99 -8.82
CA PRO B 3 3.92 3.98 -8.79
C PRO B 3 3.89 3.11 -10.05
N PHE B 4 4.62 3.51 -11.07
CA PHE B 4 4.62 2.74 -12.31
C PHE B 4 5.81 1.80 -12.41
N GLY B 5 6.77 1.94 -11.50
CA GLY B 5 7.97 1.11 -11.49
C GLY B 5 8.57 0.98 -12.86
N GLY B 6 8.54 2.07 -13.61
CA GLY B 6 8.96 2.07 -15.00
C GLY B 6 8.02 2.87 -15.89
N ASP B 7 8.27 2.83 -17.19
CA ASP B 7 7.50 3.59 -18.17
C ASP B 7 6.14 2.94 -18.45
N PRO B 8 5.04 3.69 -18.21
CA PRO B 8 3.68 3.22 -18.48
C PRO B 8 3.26 3.47 -19.92
N PHE B 9 4.12 4.10 -20.71
CA PHE B 9 3.73 4.56 -22.05
C PHE B 9 4.31 3.71 -23.19
N LYS B 10 5.59 3.37 -23.09
CA LYS B 10 6.30 2.62 -24.13
C LYS B 10 6.22 3.33 -25.48
#